data_5U4V
#
_entry.id   5U4V
#
_cell.length_a   40.763
_cell.length_b   40.763
_cell.length_c   95.214
_cell.angle_alpha   90.000
_cell.angle_beta   90.000
_cell.angle_gamma   90.000
#
_symmetry.space_group_name_H-M   'P 43'
#
loop_
_entity.id
_entity.type
_entity.pdbx_description
1 polymer 'Rho GTPase-activating protein 5'
2 water water
#
_entity_poly.entity_id   1
_entity_poly.type   'polypeptide(L)'
_entity_poly.pdbx_seq_one_letter_code
;GSSTNIDKVNLFILGKDGLAQELANEIRTQSTDDEYALDGKIYELDLRPVDAKSPYFLSQLWTAAFKPHGCFCVFNSIES
LSFIGEFIGKIRTEASQIRKDKYMANLPFTLILANQRDSISKNLPILRHQGQQLANKLQCPFVDVPAGTYPRKFNETQIK
QALRGVLESVKHNLDV
;
_entity_poly.pdbx_strand_id   A
#
# COMPACT_ATOMS: atom_id res chain seq x y z
N ASP A 7 10.25 -15.14 -2.23
CA ASP A 7 9.26 -15.45 -1.18
C ASP A 7 9.33 -14.48 0.01
N LYS A 8 10.31 -13.60 0.00
CA LYS A 8 10.39 -12.55 0.97
C LYS A 8 10.09 -11.29 0.23
N VAL A 9 9.14 -10.51 0.72
CA VAL A 9 8.76 -9.32 0.02
C VAL A 9 8.95 -8.13 0.92
N ASN A 10 9.55 -7.09 0.39
CA ASN A 10 9.76 -5.89 1.17
C ASN A 10 8.61 -4.97 0.94
N LEU A 11 7.72 -4.85 1.90
CA LEU A 11 6.55 -4.03 1.66
C LEU A 11 6.63 -2.75 2.38
N PHE A 12 7.02 -1.71 1.68
CA PHE A 12 6.98 -0.39 2.26
C PHE A 12 5.53 0.11 2.35
N ILE A 13 5.29 0.96 3.36
CA ILE A 13 3.96 1.50 3.61
C ILE A 13 4.07 2.98 3.90
N LEU A 14 3.49 3.79 2.99
CA LEU A 14 3.41 5.25 3.14
C LEU A 14 2.13 5.67 3.80
N GLY A 15 2.23 6.66 4.68
CA GLY A 15 1.05 7.14 5.39
C GLY A 15 1.47 8.38 6.12
N LYS A 16 0.52 9.24 6.36
CA LYS A 16 0.74 10.43 7.15
C LYS A 16 0.04 10.22 8.48
N ASP A 17 0.58 10.86 9.51
CA ASP A 17 0.00 10.82 10.87
C ASP A 17 -0.20 9.39 11.37
N GLY A 18 0.89 8.63 11.38
CA GLY A 18 0.92 7.29 11.98
C GLY A 18 0.10 6.25 11.23
N LEU A 19 -0.51 6.67 10.13
CA LEU A 19 -1.41 5.83 9.35
C LEU A 19 -0.70 4.57 8.81
N ALA A 20 0.55 4.75 8.39
CA ALA A 20 1.35 3.67 7.90
C ALA A 20 1.76 2.73 9.04
N GLN A 21 1.74 3.24 10.26
CA GLN A 21 2.18 2.45 11.38
C GLN A 21 1.07 1.55 11.89
N GLU A 22 -0.14 2.10 11.90
CA GLU A 22 -1.32 1.38 12.36
C GLU A 22 -1.58 0.20 11.44
N LEU A 23 -1.39 0.44 10.14
CA LEU A 23 -1.54 -0.65 9.17
C LEU A 23 -0.45 -1.69 9.34
N ALA A 24 0.79 -1.25 9.54
CA ALA A 24 1.83 -2.22 9.80
C ALA A 24 1.53 -3.03 11.07
N ASN A 25 1.04 -2.38 12.12
CA ASN A 25 0.70 -3.10 13.35
C ASN A 25 -0.43 -4.11 13.15
N GLU A 26 -1.48 -3.66 12.48
CA GLU A 26 -2.65 -4.48 12.22
C GLU A 26 -2.28 -5.76 11.54
N ILE A 27 -1.42 -5.65 10.53
CA ILE A 27 -0.97 -6.78 9.76
C ILE A 27 -0.06 -7.73 10.58
N ARG A 28 0.89 -7.18 11.34
CA ARG A 28 1.79 -8.00 12.15
C ARG A 28 1.12 -8.87 13.21
N THR A 29 -0.05 -8.44 13.72
CA THR A 29 -0.76 -9.24 14.71
C THR A 29 -1.25 -10.57 14.11
N GLN A 30 -1.15 -10.69 12.77
CA GLN A 30 -1.65 -11.88 12.08
C GLN A 30 -0.50 -12.77 11.65
N SER A 31 0.74 -12.35 11.96
CA SER A 31 1.91 -13.09 11.58
C SER A 31 2.01 -14.34 12.42
N THR A 32 1.79 -15.47 11.78
CA THR A 32 2.02 -16.78 12.35
C THR A 32 3.49 -17.13 12.09
N ASP A 33 4.20 -17.51 13.14
CA ASP A 33 5.62 -17.85 13.06
C ASP A 33 6.45 -16.80 12.30
N ASP A 34 6.05 -15.54 12.48
CA ASP A 34 6.71 -14.41 11.83
C ASP A 34 6.62 -14.57 10.32
N GLU A 35 5.48 -15.06 9.84
CA GLU A 35 5.27 -15.27 8.42
C GLU A 35 3.77 -15.11 8.12
N TYR A 36 3.38 -15.15 6.85
CA TYR A 36 2.01 -14.79 6.51
C TYR A 36 1.38 -15.77 5.57
N ALA A 37 0.14 -16.10 5.85
CA ALA A 37 -0.61 -17.05 5.06
C ALA A 37 -1.61 -16.32 4.20
N LEU A 38 -1.46 -16.51 2.90
CA LEU A 38 -2.37 -15.91 1.95
C LEU A 38 -2.60 -16.87 0.80
N ASP A 39 -3.89 -17.14 0.54
CA ASP A 39 -4.31 -17.94 -0.61
C ASP A 39 -3.65 -19.32 -0.64
N GLY A 40 -3.44 -19.89 0.55
CA GLY A 40 -2.79 -21.19 0.67
C GLY A 40 -1.31 -21.15 0.33
N LYS A 41 -0.67 -20.02 0.57
CA LYS A 41 0.76 -19.91 0.50
C LYS A 41 1.28 -19.16 1.72
N ILE A 42 2.58 -19.17 1.91
CA ILE A 42 3.13 -18.59 3.08
C ILE A 42 4.17 -17.63 2.64
N TYR A 43 3.99 -16.38 3.01
CA TYR A 43 4.89 -15.31 2.58
C TYR A 43 5.60 -14.80 3.80
N GLU A 44 6.90 -14.53 3.67
CA GLU A 44 7.52 -13.69 4.68
C GLU A 44 7.53 -12.24 4.23
N LEU A 45 6.71 -11.43 4.85
CA LEU A 45 6.63 -10.01 4.53
C LEU A 45 7.41 -9.20 5.54
N ASP A 46 8.15 -8.22 5.05
CA ASP A 46 8.76 -7.22 5.90
C ASP A 46 8.05 -5.91 5.69
N LEU A 47 7.15 -5.58 6.58
CA LEU A 47 6.41 -4.34 6.49
C LEU A 47 7.18 -3.19 7.11
N ARG A 48 7.54 -2.25 6.25
CA ARG A 48 8.30 -1.10 6.67
C ARG A 48 7.52 0.17 6.47
N PRO A 49 6.90 0.70 7.52
CA PRO A 49 6.25 2.03 7.41
C PRO A 49 7.29 3.12 7.29
N VAL A 50 7.00 4.14 6.51
CA VAL A 50 7.98 5.16 6.16
C VAL A 50 7.42 6.57 6.27
N ASP A 51 8.28 7.54 6.56
CA ASP A 51 7.82 8.90 6.34
C ASP A 51 8.94 9.75 5.75
N ALA A 52 8.64 10.96 5.25
CA ALA A 52 9.68 11.86 4.79
C ALA A 52 10.47 12.49 5.92
N PRO A 68 12.54 -8.51 -3.87
CA PRO A 68 11.22 -8.19 -4.37
C PRO A 68 10.62 -7.19 -3.41
N HIS A 69 10.03 -6.11 -3.92
CA HIS A 69 9.43 -5.12 -3.07
C HIS A 69 8.27 -4.38 -3.76
N GLY A 70 7.41 -3.79 -2.96
CA GLY A 70 6.26 -3.04 -3.46
C GLY A 70 5.90 -2.02 -2.39
N CYS A 71 4.88 -1.22 -2.67
CA CYS A 71 4.56 -0.14 -1.76
C CYS A 71 3.07 0.12 -1.54
N PHE A 72 2.62 -0.19 -0.33
CA PHE A 72 1.31 0.24 0.14
C PHE A 72 1.24 1.73 0.39
N CYS A 73 0.18 2.36 -0.12
CA CYS A 73 -0.05 3.77 0.16
C CYS A 73 -1.44 3.97 0.72
N VAL A 74 -1.48 4.44 1.96
CA VAL A 74 -2.68 4.51 2.78
C VAL A 74 -2.97 6.00 3.04
N PHE A 75 -4.24 6.36 2.98
CA PHE A 75 -4.72 7.71 3.24
C PHE A 75 -6.15 7.59 3.73
N ASN A 76 -6.58 8.58 4.53
CA ASN A 76 -7.91 8.62 5.07
C ASN A 76 -8.58 10.01 5.00
N SER A 77 -7.98 10.92 4.25
CA SER A 77 -8.49 12.28 4.15
C SER A 77 -7.82 13.00 3.01
N ILE A 78 -8.24 14.23 2.79
CA ILE A 78 -7.67 15.06 1.73
C ILE A 78 -6.19 15.29 2.00
N GLU A 79 -5.85 15.53 3.26
CA GLU A 79 -4.47 15.82 3.59
C GLU A 79 -3.59 14.61 3.30
N SER A 80 -4.02 13.45 3.78
CA SER A 80 -3.25 12.22 3.59
C SER A 80 -3.13 11.84 2.12
N LEU A 81 -4.21 12.02 1.37
CA LEU A 81 -4.17 11.81 -0.08
C LEU A 81 -3.12 12.65 -0.80
N SER A 82 -2.99 13.91 -0.39
CA SER A 82 -2.05 14.86 -0.98
C SER A 82 -0.60 14.54 -0.65
N PHE A 83 -0.32 14.23 0.62
CA PHE A 83 0.97 13.75 1.07
C PHE A 83 1.44 12.58 0.19
N ILE A 84 0.57 11.61 -0.06
CA ILE A 84 0.85 10.49 -0.93
C ILE A 84 1.16 10.94 -2.36
N GLY A 85 0.26 11.76 -2.91
CA GLY A 85 0.49 12.36 -4.22
C GLY A 85 1.82 13.09 -4.22
N GLU A 86 1.92 14.01 -3.26
CA GLU A 86 3.08 14.85 -3.12
C GLU A 86 4.33 14.00 -2.95
N PHE A 87 4.21 12.90 -2.20
CA PHE A 87 5.38 12.10 -1.99
C PHE A 87 5.75 11.30 -3.21
N ILE A 88 4.77 10.77 -3.90
CA ILE A 88 5.02 10.03 -5.15
C ILE A 88 5.66 10.94 -6.19
N GLY A 89 5.24 12.20 -6.23
CA GLY A 89 5.86 13.19 -7.10
C GLY A 89 7.36 13.39 -6.88
N LYS A 90 7.79 13.44 -5.61
CA LYS A 90 9.20 13.52 -5.26
C LYS A 90 9.97 12.33 -5.81
N ILE A 91 9.45 11.14 -5.56
CA ILE A 91 10.04 9.90 -6.03
C ILE A 91 10.09 9.85 -7.53
N ARG A 92 9.05 10.43 -8.15
CA ARG A 92 8.96 10.55 -9.59
C ARG A 92 10.09 11.44 -10.10
N THR A 93 10.14 12.70 -9.63
CA THR A 93 11.15 13.64 -10.10
C THR A 93 12.53 13.05 -9.85
N GLU A 94 12.69 12.49 -8.66
CA GLU A 94 13.92 11.88 -8.22
C GLU A 94 14.28 10.72 -9.10
N ALA A 95 13.27 9.91 -9.41
CA ALA A 95 13.46 8.74 -10.23
C ALA A 95 13.90 9.10 -11.65
N SER A 96 13.45 10.24 -12.15
CA SER A 96 13.84 10.70 -13.47
C SER A 96 15.33 10.81 -13.53
N GLN A 97 15.92 11.46 -12.53
CA GLN A 97 17.37 11.66 -12.52
C GLN A 97 18.14 10.48 -11.93
N ILE A 98 18.05 9.35 -12.65
CA ILE A 98 18.73 8.08 -12.42
C ILE A 98 18.62 7.39 -13.77
N MET A 104 10.62 2.28 -11.82
CA MET A 104 9.67 3.25 -11.34
C MET A 104 8.31 2.96 -11.94
N ALA A 105 8.31 2.67 -13.25
CA ALA A 105 7.09 2.29 -13.96
C ALA A 105 6.54 0.96 -13.46
N ASN A 106 7.44 0.07 -13.06
CA ASN A 106 7.02 -1.22 -12.58
C ASN A 106 7.02 -1.36 -11.09
N LEU A 107 7.13 -0.25 -10.37
CA LEU A 107 7.19 -0.33 -8.92
C LEU A 107 5.81 -0.58 -8.33
N PRO A 108 5.61 -1.75 -7.72
CA PRO A 108 4.29 -2.24 -7.33
C PRO A 108 3.66 -1.38 -6.24
N PHE A 109 2.93 -0.37 -6.67
CA PHE A 109 2.16 0.44 -5.72
C PHE A 109 0.79 -0.23 -5.49
N THR A 110 0.12 0.09 -4.40
CA THR A 110 -1.30 -0.16 -4.20
C THR A 110 -1.80 0.91 -3.26
N LEU A 111 -2.91 1.54 -3.64
CA LEU A 111 -3.47 2.62 -2.86
C LEU A 111 -4.53 2.09 -1.95
N ILE A 112 -4.42 2.43 -0.66
CA ILE A 112 -5.39 1.98 0.28
C ILE A 112 -6.13 3.11 0.92
N LEU A 113 -7.45 3.18 0.70
CA LEU A 113 -8.26 4.09 1.43
C LEU A 113 -8.82 3.42 2.68
N ALA A 114 -8.39 3.92 3.83
CA ALA A 114 -8.86 3.50 5.15
C ALA A 114 -10.04 4.34 5.70
N ASN A 115 -11.06 3.67 6.23
CA ASN A 115 -12.14 4.36 6.97
C ASN A 115 -11.74 4.63 8.41
N ASN A 123 -17.33 14.16 3.13
CA ASN A 123 -17.84 13.40 1.99
C ASN A 123 -16.82 12.42 1.47
N LEU A 124 -17.15 11.14 1.66
CA LEU A 124 -16.32 10.03 1.21
C LEU A 124 -16.13 9.96 -0.31
N PRO A 125 -17.17 10.33 -1.08
CA PRO A 125 -17.08 10.20 -2.52
C PRO A 125 -15.92 10.93 -3.18
N ILE A 126 -15.51 12.08 -2.64
CA ILE A 126 -14.41 12.83 -3.23
C ILE A 126 -13.07 12.14 -3.03
N LEU A 127 -12.88 11.54 -1.85
CA LEU A 127 -11.71 10.71 -1.59
C LEU A 127 -11.56 9.63 -2.66
N ARG A 128 -12.62 8.84 -2.86
CA ARG A 128 -12.58 7.71 -3.81
C ARG A 128 -12.25 8.20 -5.21
N HIS A 129 -12.90 9.29 -5.64
CA HIS A 129 -12.67 9.80 -6.99
C HIS A 129 -11.23 10.28 -7.20
N GLN A 130 -10.69 11.05 -6.26
CA GLN A 130 -9.33 11.53 -6.42
C GLN A 130 -8.30 10.41 -6.22
N GLY A 131 -8.62 9.49 -5.32
CA GLY A 131 -7.74 8.34 -5.13
C GLY A 131 -7.71 7.46 -6.38
N GLN A 132 -8.87 7.30 -7.02
CA GLN A 132 -8.99 6.50 -8.21
C GLN A 132 -8.29 7.10 -9.42
N GLN A 133 -8.23 8.44 -9.48
CA GLN A 133 -7.47 9.09 -10.54
C GLN A 133 -5.97 8.97 -10.25
N LEU A 134 -5.61 9.05 -8.98
CA LEU A 134 -4.23 8.81 -8.62
C LEU A 134 -3.87 7.37 -8.99
N ALA A 135 -4.73 6.42 -8.62
CA ALA A 135 -4.52 5.00 -8.94
C ALA A 135 -4.39 4.79 -10.43
N ASN A 136 -5.27 5.46 -11.19
CA ASN A 136 -5.22 5.38 -12.64
C ASN A 136 -3.89 5.87 -13.21
N LYS A 137 -3.40 6.99 -12.68
CA LYS A 137 -2.13 7.56 -13.14
C LYS A 137 -1.00 6.56 -12.90
N LEU A 138 -1.01 5.87 -11.78
CA LEU A 138 0.07 4.93 -11.47
C LEU A 138 -0.20 3.51 -12.03
N GLN A 139 -1.40 3.27 -12.55
CA GLN A 139 -1.85 1.93 -12.98
C GLN A 139 -1.66 0.90 -11.87
N CYS A 140 -2.15 1.26 -10.68
CA CYS A 140 -2.02 0.43 -9.51
C CYS A 140 -3.41 0.14 -8.96
N PRO A 141 -3.57 -1.01 -8.29
CA PRO A 141 -4.85 -1.28 -7.67
C PRO A 141 -5.20 -0.24 -6.62
N PHE A 142 -6.48 0.09 -6.57
CA PHE A 142 -7.00 0.92 -5.50
C PHE A 142 -8.00 0.13 -4.66
N VAL A 143 -7.69 -0.02 -3.37
CA VAL A 143 -8.52 -0.75 -2.40
C VAL A 143 -9.08 0.10 -1.28
N ASP A 144 -10.35 -0.06 -0.95
CA ASP A 144 -10.94 0.54 0.25
C ASP A 144 -10.95 -0.43 1.43
N VAL A 145 -10.38 0.00 2.56
CA VAL A 145 -10.37 -0.82 3.78
C VAL A 145 -11.08 -0.13 4.95
N PRO A 146 -12.34 -0.53 5.18
CA PRO A 146 -13.20 -0.07 6.28
C PRO A 146 -12.71 -0.54 7.65
N ARG A 152 -9.38 -4.81 14.36
CA ARG A 152 -10.55 -4.64 13.49
C ARG A 152 -10.74 -3.18 13.02
N LYS A 153 -9.67 -2.41 13.18
CA LYS A 153 -9.61 -1.05 12.67
C LYS A 153 -9.57 -1.07 11.17
N PHE A 154 -8.92 -2.10 10.63
CA PHE A 154 -8.85 -2.34 9.22
C PHE A 154 -9.53 -3.67 8.95
N ASN A 155 -10.20 -3.77 7.82
CA ASN A 155 -10.87 -4.98 7.43
C ASN A 155 -9.87 -6.04 6.91
N GLU A 156 -9.88 -7.20 7.54
CA GLU A 156 -8.99 -8.33 7.15
C GLU A 156 -9.13 -8.74 5.67
N THR A 157 -10.37 -8.90 5.21
CA THR A 157 -10.63 -9.28 3.81
C THR A 157 -10.03 -8.24 2.89
N GLN A 158 -10.18 -6.98 3.25
CA GLN A 158 -9.59 -5.88 2.45
C GLN A 158 -8.08 -5.78 2.50
N ILE A 159 -7.49 -6.07 3.67
CA ILE A 159 -6.03 -6.19 3.74
C ILE A 159 -5.53 -7.25 2.75
N LYS A 160 -6.24 -8.35 2.70
CA LYS A 160 -5.86 -9.47 1.86
C LYS A 160 -5.90 -9.12 0.40
N GLN A 161 -6.96 -8.40 -0.03
CA GLN A 161 -7.08 -7.97 -1.40
C GLN A 161 -5.92 -7.07 -1.76
N ALA A 162 -5.66 -6.10 -0.89
CA ALA A 162 -4.54 -5.16 -1.03
C ALA A 162 -3.23 -5.91 -1.14
N LEU A 163 -3.11 -6.94 -0.30
CA LEU A 163 -1.91 -7.76 -0.26
C LEU A 163 -1.75 -8.57 -1.53
N ARG A 164 -2.85 -9.16 -2.02
CA ARG A 164 -2.74 -9.88 -3.25
C ARG A 164 -2.57 -8.96 -4.44
N GLY A 165 -3.04 -7.72 -4.31
CA GLY A 165 -2.72 -6.69 -5.27
C GLY A 165 -1.20 -6.59 -5.49
N VAL A 166 -0.47 -6.22 -4.44
CA VAL A 166 0.98 -5.99 -4.54
C VAL A 166 1.70 -7.26 -4.98
N LEU A 167 1.35 -8.39 -4.36
CA LEU A 167 1.97 -9.67 -4.67
C LEU A 167 1.74 -10.18 -6.09
N GLU A 168 0.59 -9.91 -6.69
CA GLU A 168 0.35 -10.33 -8.05
C GLU A 168 1.07 -9.42 -9.03
N SER A 169 1.28 -8.17 -8.62
CA SER A 169 2.04 -7.23 -9.41
C SER A 169 3.53 -7.57 -9.38
N VAL A 170 4.05 -7.83 -8.18
CA VAL A 170 5.41 -8.33 -7.94
C VAL A 170 5.65 -9.59 -8.77
N LYS A 171 4.71 -10.52 -8.71
CA LYS A 171 4.77 -11.75 -9.48
C LYS A 171 4.82 -11.45 -10.98
N HIS A 172 4.06 -10.43 -11.42
CA HIS A 172 4.04 -10.06 -12.83
C HIS A 172 5.40 -9.53 -13.28
N ASN A 173 6.04 -8.69 -12.47
CA ASN A 173 7.35 -8.10 -12.84
C ASN A 173 8.47 -9.12 -13.11
N LEU A 174 8.34 -10.32 -12.55
CA LEU A 174 9.37 -11.37 -12.68
C LEU A 174 9.17 -12.20 -13.95
#